data_5NV8
#
_entry.id   5NV8
#
_cell.length_a   131.680
_cell.length_b   131.680
_cell.length_c   46.240
_cell.angle_alpha   90.00
_cell.angle_beta   90.00
_cell.angle_gamma   90.00
#
_symmetry.space_group_name_H-M   'I 4'
#
loop_
_entity.id
_entity.type
_entity.pdbx_description
1 polymer 'EF-P arginine 32 rhamnosyl-transferase'
2 non-polymer "2'-DEOXY-THYMIDINE-BETA-L-RHAMNOSE"
3 water water
#
_entity_poly.entity_id   1
_entity_poly.type   'polypeptide(L)'
_entity_poly.pdbx_seq_one_letter_code
;MGSSHHHHHHSQDPKATWDIFCSVVDNYGDIGVTWRLARQLVAEHGLAVRLWVDDLNAFTPMCPGADATAAQQWQHGVDV
RHWPAAWLPVAPADVVIGAFACQLPAAYVEAMRARPQPPLWLNLEYLSAEDWVEGCHGLPSPQPNGLRKVFFFPGFTDKT
GGLLREGSLLARRDGFQQSAEARRAFLQGLGVDLVPGALLISLFAYENPQLGNWLDALATADQPCHLLVPQGRVVAGLSQ
WLGEGPLHVGDVRTRGALTVQVLPFVSQDDFDRLLWSCDFNAVRGEDSFVRAQWAGQPMLWHIYVQDENAHWEKLEAFLA
HYRCGLSDDADAALLGLWRAWNMDFDMGQAWRAARQHWPELQQHARLWGARQAAQPDLATALVHFYRNSL
;
_entity_poly.pdbx_strand_id   A
#
loop_
_chem_comp.id
_chem_comp.type
_chem_comp.name
_chem_comp.formula
TRH non-polymer 2'-DEOXY-THYMIDINE-BETA-L-RHAMNOSE 'C16 H26 N2 O15 P2'
#
# COMPACT_ATOMS: atom_id res chain seq x y z
N LYS A 15 -29.78 -13.00 -5.55
CA LYS A 15 -28.62 -12.35 -4.93
C LYS A 15 -29.04 -11.02 -4.28
N ALA A 16 -28.46 -10.74 -3.11
CA ALA A 16 -28.75 -9.49 -2.42
C ALA A 16 -28.12 -8.31 -3.16
N THR A 17 -28.70 -7.13 -2.95
CA THR A 17 -28.29 -5.92 -3.65
C THR A 17 -27.48 -5.03 -2.70
N TRP A 18 -26.29 -4.64 -3.13
CA TRP A 18 -25.43 -3.74 -2.39
C TRP A 18 -25.10 -2.53 -3.26
N ASP A 19 -25.06 -1.35 -2.65
CA ASP A 19 -24.79 -0.10 -3.37
C ASP A 19 -23.69 0.64 -2.63
N ILE A 20 -22.58 0.88 -3.32
CA ILE A 20 -21.47 1.66 -2.77
C ILE A 20 -21.31 2.91 -3.61
N PHE A 21 -20.86 4.00 -2.96
CA PHE A 21 -20.70 5.28 -3.63
C PHE A 21 -19.44 5.96 -3.12
N CYS A 22 -18.54 6.30 -4.03
CA CYS A 22 -17.32 7.00 -3.69
C CYS A 22 -17.20 8.25 -4.55
N SER A 23 -16.70 9.32 -3.95
CA SER A 23 -16.39 10.56 -4.66
C SER A 23 -14.87 10.78 -4.60
N VAL A 24 -14.38 11.91 -4.11
CA VAL A 24 -12.96 12.10 -3.88
C VAL A 24 -12.75 12.80 -2.54
N ASP A 26 -5.59 15.18 -2.75
CA ASP A 26 -6.80 14.43 -2.42
C ASP A 26 -7.38 13.77 -3.68
N ASN A 27 -7.04 12.51 -3.92
CA ASN A 27 -7.61 11.78 -5.05
C ASN A 27 -7.78 10.30 -4.75
N TYR A 28 -6.92 9.44 -5.30
CA TYR A 28 -7.09 8.00 -5.12
C TYR A 28 -7.10 7.63 -3.64
N GLY A 29 -7.55 6.41 -3.36
CA GLY A 29 -7.69 5.96 -2.00
C GLY A 29 -9.15 5.83 -1.63
N ASP A 30 -9.95 6.83 -2.02
CA ASP A 30 -11.40 6.70 -1.89
C ASP A 30 -11.93 5.70 -2.92
N ILE A 31 -11.56 5.87 -4.17
CA ILE A 31 -11.92 4.90 -5.20
C ILE A 31 -11.09 3.64 -5.06
N GLY A 32 -9.86 3.76 -4.54
CA GLY A 32 -9.02 2.58 -4.37
C GLY A 32 -9.63 1.57 -3.41
N VAL A 33 -10.22 2.03 -2.32
CA VAL A 33 -10.84 1.12 -1.36
C VAL A 33 -12.18 0.62 -1.89
N THR A 34 -12.97 1.48 -2.51
CA THR A 34 -14.30 1.07 -2.96
C THR A 34 -14.23 0.14 -4.16
N TRP A 35 -13.32 0.42 -5.10
CA TRP A 35 -13.16 -0.46 -6.24
C TRP A 35 -12.60 -1.82 -5.83
N ARG A 36 -11.77 -1.87 -4.79
CA ARG A 36 -11.28 -3.15 -4.29
C ARG A 36 -12.38 -3.94 -3.59
N LEU A 37 -13.15 -3.28 -2.72
CA LEU A 37 -14.21 -3.95 -2.00
C LEU A 37 -15.32 -4.44 -2.95
N ALA A 38 -15.65 -3.63 -3.95
CA ALA A 38 -16.78 -3.96 -4.82
C ALA A 38 -16.51 -5.23 -5.62
N ARG A 39 -15.30 -5.43 -6.12
CA ARG A 39 -14.98 -6.66 -6.83
C ARG A 39 -15.03 -7.86 -5.90
N GLN A 40 -14.59 -7.68 -4.66
CA GLN A 40 -14.50 -8.80 -3.72
C GLN A 40 -15.89 -9.31 -3.33
N LEU A 41 -16.84 -8.40 -3.11
CA LEU A 41 -18.18 -8.82 -2.72
C LEU A 41 -18.92 -9.51 -3.87
N VAL A 42 -18.52 -9.26 -5.10
CA VAL A 42 -19.06 -10.03 -6.23
C VAL A 42 -18.34 -11.37 -6.34
N ALA A 43 -17.01 -11.35 -6.34
CA ALA A 43 -16.25 -12.54 -6.68
C ALA A 43 -16.31 -13.60 -5.58
N GLU A 44 -16.17 -13.18 -4.33
CA GLU A 44 -16.10 -14.13 -3.22
C GLU A 44 -17.43 -14.32 -2.50
N HIS A 45 -18.42 -13.46 -2.75
CA HIS A 45 -19.70 -13.54 -2.06
C HIS A 45 -20.89 -13.54 -2.99
N GLY A 46 -20.68 -13.49 -4.30
CA GLY A 46 -21.77 -13.62 -5.25
C GLY A 46 -22.86 -12.57 -5.13
N LEU A 47 -22.50 -11.35 -4.77
CA LEU A 47 -23.47 -10.28 -4.56
C LEU A 47 -23.57 -9.41 -5.80
N ALA A 48 -24.75 -8.82 -5.99
CA ALA A 48 -24.98 -7.86 -7.08
C ALA A 48 -24.71 -6.47 -6.51
N VAL A 49 -23.53 -5.93 -6.80
CA VAL A 49 -23.14 -4.65 -6.25
C VAL A 49 -22.98 -3.65 -7.39
N ARG A 50 -23.32 -2.40 -7.10
CA ARG A 50 -23.17 -1.30 -8.04
C ARG A 50 -22.43 -0.18 -7.34
N LEU A 51 -21.24 0.13 -7.85
CA LEU A 51 -20.42 1.21 -7.30
C LEU A 51 -20.83 2.53 -7.96
N TRP A 52 -21.38 3.43 -7.15
CA TRP A 52 -21.82 4.73 -7.67
C TRP A 52 -20.73 5.76 -7.43
N VAL A 53 -19.69 5.67 -8.26
CA VAL A 53 -18.60 6.63 -8.23
C VAL A 53 -19.14 8.00 -8.62
N ASP A 54 -18.83 9.01 -7.81
CA ASP A 54 -19.29 10.38 -8.05
C ASP A 54 -18.24 11.23 -8.76
N ASP A 55 -17.11 10.65 -9.15
CA ASP A 55 -15.97 11.43 -9.60
C ASP A 55 -15.29 10.71 -10.76
N LEU A 56 -14.13 11.22 -11.17
CA LEU A 56 -13.36 10.66 -12.28
C LEU A 56 -13.09 9.17 -12.06
N ALA A 66 -11.28 -7.36 -14.35
CA ALA A 66 -11.94 -8.21 -13.36
C ALA A 66 -13.09 -7.42 -12.74
N ASP A 67 -14.32 -7.88 -12.96
CA ASP A 67 -15.46 -7.01 -12.69
C ASP A 67 -16.72 -7.74 -12.23
N ALA A 68 -17.71 -7.79 -13.11
CA ALA A 68 -19.10 -8.10 -12.78
C ALA A 68 -19.67 -7.08 -11.80
N THR A 69 -19.05 -5.90 -11.71
CA THR A 69 -19.50 -4.80 -10.87
C THR A 69 -20.12 -3.72 -11.77
N ALA A 70 -21.29 -3.23 -11.39
CA ALA A 70 -21.97 -2.18 -12.13
C ALA A 70 -21.53 -0.83 -11.58
N ALA A 71 -20.37 -0.37 -12.04
CA ALA A 71 -19.80 0.89 -11.59
C ALA A 71 -20.56 2.07 -12.20
N ALA A 86 -25.61 9.14 12.55
CA ALA A 86 -27.04 9.26 12.27
C ALA A 86 -27.85 9.00 13.54
N TRP A 87 -29.15 9.32 13.48
CA TRP A 87 -30.02 9.11 14.63
C TRP A 87 -30.07 7.62 14.97
N LEU A 88 -30.01 7.32 16.27
CA LEU A 88 -29.90 5.96 16.78
C LEU A 88 -28.58 5.32 16.31
N GLY A 98 -22.01 2.70 1.42
CA GLY A 98 -22.44 1.32 1.50
C GLY A 98 -23.93 1.18 1.77
N ALA A 99 -24.72 0.97 0.72
CA ALA A 99 -26.17 0.86 0.81
C ALA A 99 -26.56 -0.57 0.44
N PHE A 100 -27.03 -1.32 1.43
CA PHE A 100 -27.49 -2.68 1.22
C PHE A 100 -28.68 -3.00 2.11
N CYS A 102 -30.99 -3.88 0.09
CA CYS A 102 -32.08 -3.03 -0.38
C CYS A 102 -31.74 -2.44 -1.74
N GLN A 103 -32.73 -2.42 -2.64
CA GLN A 103 -32.52 -2.00 -4.03
C GLN A 103 -33.56 -0.95 -4.40
N LEU A 104 -33.07 0.24 -4.77
CA LEU A 104 -33.94 1.29 -5.30
C LEU A 104 -33.15 2.13 -6.31
N PRO A 105 -33.53 2.13 -7.58
CA PRO A 105 -32.81 2.93 -8.58
C PRO A 105 -33.51 4.24 -8.94
N ALA A 106 -34.06 4.93 -7.95
CA ALA A 106 -34.70 6.22 -8.20
C ALA A 106 -33.64 7.29 -8.41
N ALA A 107 -33.95 8.24 -9.31
CA ALA A 107 -33.00 9.31 -9.64
C ALA A 107 -32.60 10.09 -8.39
N TYR A 108 -33.56 10.75 -7.76
CA TYR A 108 -33.33 11.28 -6.42
C TYR A 108 -33.21 10.10 -5.46
N VAL A 109 -32.00 9.56 -5.32
CA VAL A 109 -31.79 8.28 -4.65
C VAL A 109 -32.06 8.41 -3.15
N GLU A 110 -32.42 9.61 -2.71
CA GLU A 110 -32.85 9.85 -1.33
C GLU A 110 -34.17 9.16 -1.01
N ALA A 111 -34.60 8.21 -1.85
CA ALA A 111 -35.79 7.39 -1.61
C ALA A 111 -35.49 6.20 -0.70
N MET A 112 -34.52 6.33 0.21
CA MET A 112 -34.12 5.27 1.12
C MET A 112 -35.29 4.74 1.96
N PRO A 140 -7.34 2.61 7.79
CA PRO A 140 -7.93 1.91 8.94
C PRO A 140 -7.93 2.76 10.20
N SER A 141 -6.80 3.40 10.50
CA SER A 141 -6.64 4.22 11.70
C SER A 141 -7.03 3.44 12.97
N ASN A 145 -10.76 4.62 20.17
CA ASN A 145 -11.36 5.55 19.23
C ASN A 145 -12.02 4.76 18.10
N GLY A 146 -11.19 4.12 17.28
CA GLY A 146 -11.71 3.41 16.12
C GLY A 146 -12.62 2.25 16.48
N LEU A 147 -12.32 1.56 17.59
CA LEU A 147 -13.17 0.46 18.03
C LEU A 147 -14.54 0.97 18.46
N ARG A 148 -14.58 2.14 19.11
CA ARG A 148 -15.85 2.68 19.56
C ARG A 148 -16.75 3.10 18.40
N LYS A 149 -16.15 3.56 17.30
CA LYS A 149 -16.90 3.93 16.10
C LYS A 149 -17.15 2.66 15.29
N VAL A 150 -18.41 2.21 15.26
CA VAL A 150 -18.76 0.96 14.59
C VAL A 150 -19.47 1.27 13.28
N PHE A 151 -19.02 2.33 12.59
CA PHE A 151 -19.56 2.68 11.27
CA PHE A 151 -19.56 2.68 11.27
C PHE A 151 -18.80 1.95 10.18
N PHE A 152 -17.69 2.52 9.73
CA PHE A 152 -16.84 1.84 8.75
C PHE A 152 -16.29 0.55 9.33
N PHE A 153 -15.98 0.55 10.63
CA PHE A 153 -15.45 -0.60 11.36
C PHE A 153 -14.20 -1.20 10.74
N PRO A 154 -13.16 -0.40 10.37
CA PRO A 154 -11.96 -1.02 9.81
C PRO A 154 -10.75 -0.84 10.73
N GLY A 155 -10.33 -1.91 11.40
CA GLY A 155 -9.22 -1.78 12.33
C GLY A 155 -8.19 -2.88 12.21
N PHE A 156 -7.26 -2.92 13.16
CA PHE A 156 -6.25 -3.97 13.22
C PHE A 156 -6.56 -5.02 14.28
N THR A 157 -7.54 -4.78 15.15
CA THR A 157 -7.90 -5.68 16.23
C THR A 157 -9.23 -6.37 15.90
N ASP A 158 -9.76 -7.10 16.89
CA ASP A 158 -11.02 -7.81 16.72
C ASP A 158 -12.20 -6.84 16.69
N LYS A 159 -12.08 -5.77 15.91
CA LYS A 159 -13.14 -4.78 15.78
C LYS A 159 -12.84 -3.86 14.61
N GLY A 162 -12.09 -5.58 9.90
CA GLY A 162 -10.65 -5.76 9.74
C GLY A 162 -10.06 -5.04 8.54
N LEU A 163 -9.37 -5.77 7.69
CA LEU A 163 -8.72 -5.20 6.52
C LEU A 163 -9.16 -5.96 5.27
N LEU A 164 -9.15 -5.27 4.14
CA LEU A 164 -9.47 -5.90 2.87
C LEU A 164 -8.35 -6.86 2.47
N ARG A 165 -8.70 -8.13 2.31
CA ARG A 165 -7.73 -9.15 1.91
C ARG A 165 -8.48 -10.18 1.08
N GLU A 166 -8.12 -10.27 -0.20
CA GLU A 166 -8.72 -11.26 -1.09
C GLU A 166 -8.36 -12.67 -0.62
N GLY A 167 -9.30 -13.60 -0.84
CA GLY A 167 -9.13 -14.96 -0.38
C GLY A 167 -7.86 -15.63 -0.88
N SER A 168 -7.48 -15.37 -2.13
CA SER A 168 -6.33 -16.03 -2.74
C SER A 168 -5.12 -15.11 -2.88
N LEU A 169 -5.09 -13.98 -2.17
CA LEU A 169 -4.01 -13.02 -2.35
C LEU A 169 -2.69 -13.58 -1.86
N LEU A 170 -2.65 -14.07 -0.62
CA LEU A 170 -1.41 -14.62 -0.07
C LEU A 170 -0.89 -15.77 -0.93
N ALA A 171 -1.80 -16.63 -1.40
CA ALA A 171 -1.37 -17.73 -2.27
C ALA A 171 -0.83 -17.23 -3.60
N ARG A 172 -1.49 -16.22 -4.19
CA ARG A 172 -0.97 -15.64 -5.43
C ARG A 172 0.35 -14.92 -5.19
N ARG A 173 0.58 -14.40 -3.98
CA ARG A 173 1.85 -13.76 -3.67
C ARG A 173 2.98 -14.78 -3.65
N ASP A 174 2.77 -15.91 -2.98
CA ASP A 174 3.82 -16.90 -2.83
C ASP A 174 4.22 -17.51 -4.17
N GLY A 175 3.24 -17.81 -5.02
CA GLY A 175 3.57 -18.37 -6.33
C GLY A 175 4.33 -17.40 -7.22
N PHE A 176 4.06 -16.10 -7.07
CA PHE A 176 4.78 -15.10 -7.85
C PHE A 176 6.23 -14.98 -7.37
N GLN A 177 6.43 -14.87 -6.06
CA GLN A 177 7.77 -14.67 -5.50
C GLN A 177 8.62 -15.92 -5.56
N GLN A 178 8.03 -17.09 -5.79
CA GLN A 178 8.78 -18.34 -5.87
C GLN A 178 9.08 -18.76 -7.30
N SER A 179 8.64 -17.99 -8.29
CA SER A 179 8.90 -18.26 -9.70
C SER A 179 9.86 -17.21 -10.23
N ALA A 180 11.05 -17.64 -10.65
CA ALA A 180 12.07 -16.69 -11.08
C ALA A 180 11.73 -16.06 -12.41
N GLU A 181 11.08 -16.81 -13.31
CA GLU A 181 10.72 -16.26 -14.61
C GLU A 181 9.53 -15.32 -14.52
N ALA A 182 8.56 -15.65 -13.65
CA ALA A 182 7.44 -14.74 -13.42
C ALA A 182 7.93 -13.39 -12.93
N ARG A 183 8.94 -13.39 -12.05
CA ARG A 183 9.53 -12.12 -11.63
C ARG A 183 10.20 -11.41 -12.80
N ARG A 184 10.85 -12.17 -13.68
CA ARG A 184 11.53 -11.56 -14.82
C ARG A 184 10.54 -11.02 -15.85
N ALA A 185 9.43 -11.73 -16.05
CA ALA A 185 8.46 -11.32 -17.06
C ALA A 185 7.81 -9.99 -16.70
N PHE A 186 7.34 -9.85 -15.46
CA PHE A 186 6.63 -8.64 -15.08
C PHE A 186 7.54 -7.42 -15.10
N LEU A 187 8.76 -7.54 -14.57
CA LEU A 187 9.71 -6.43 -14.60
C LEU A 187 10.01 -6.01 -16.03
N GLN A 188 10.31 -6.99 -16.90
CA GLN A 188 10.59 -6.68 -18.30
C GLN A 188 9.35 -6.18 -19.03
N GLY A 189 8.15 -6.54 -18.56
CA GLY A 189 6.94 -6.01 -19.17
C GLY A 189 6.70 -4.54 -18.89
N LEU A 190 7.34 -3.99 -17.86
CA LEU A 190 7.19 -2.59 -17.49
C LEU A 190 8.36 -1.73 -17.96
N GLY A 191 9.22 -2.24 -18.81
CA GLY A 191 10.37 -1.49 -19.28
C GLY A 191 11.45 -1.28 -18.23
N VAL A 192 11.66 -2.27 -17.37
CA VAL A 192 12.62 -2.17 -16.27
C VAL A 192 13.72 -3.20 -16.51
N ASP A 193 14.96 -2.72 -16.63
CA ASP A 193 16.14 -3.58 -16.68
C ASP A 193 16.78 -3.57 -15.31
N LEU A 194 16.51 -4.61 -14.53
CA LEU A 194 16.96 -4.68 -13.14
C LEU A 194 18.48 -4.62 -13.07
N VAL A 195 19.00 -3.74 -12.23
CA VAL A 195 20.45 -3.64 -12.00
C VAL A 195 20.88 -4.87 -11.21
N PRO A 196 21.80 -5.68 -11.74
CA PRO A 196 22.17 -6.92 -11.06
C PRO A 196 22.76 -6.64 -9.67
N GLY A 197 22.28 -7.40 -8.69
CA GLY A 197 22.74 -7.25 -7.32
C GLY A 197 22.26 -6.00 -6.61
N ALA A 198 21.29 -5.28 -7.18
CA ALA A 198 20.82 -4.03 -6.60
C ALA A 198 19.60 -4.25 -5.72
N LEU A 199 19.51 -3.45 -4.66
CA LEU A 199 18.31 -3.42 -3.82
C LEU A 199 17.19 -2.69 -4.56
N LEU A 200 16.02 -3.33 -4.65
CA LEU A 200 14.90 -2.80 -5.42
C LEU A 200 13.91 -2.16 -4.46
N ILE A 201 13.63 -0.88 -4.65
CA ILE A 201 12.80 -0.08 -3.75
C ILE A 201 11.73 0.61 -4.58
N SER A 202 10.47 0.37 -4.24
CA SER A 202 9.36 1.13 -4.79
C SER A 202 9.01 2.27 -3.83
N LEU A 203 8.76 3.45 -4.39
CA LEU A 203 8.40 4.61 -3.58
C LEU A 203 7.18 5.28 -4.16
N PHE A 204 6.14 5.40 -3.35
CA PHE A 204 4.87 6.00 -3.74
C PHE A 204 4.36 6.77 -2.53
N ALA A 205 4.45 8.09 -2.58
CA ALA A 205 4.14 8.92 -1.42
C ALA A 205 3.68 10.29 -1.89
N TYR A 206 3.48 11.20 -0.93
CA TYR A 206 3.17 12.59 -1.21
C TYR A 206 4.48 13.38 -1.32
N GLU A 207 4.43 14.69 -1.14
CA GLU A 207 5.64 15.49 -1.07
C GLU A 207 6.27 15.32 0.31
N ASN A 208 7.48 14.80 0.35
CA ASN A 208 8.19 14.61 1.60
C ASN A 208 9.39 15.54 1.65
N PRO A 209 9.52 16.38 2.68
CA PRO A 209 10.67 17.30 2.76
C PRO A 209 11.99 16.60 3.04
N GLN A 210 11.98 15.27 3.07
CA GLN A 210 13.17 14.49 3.34
C GLN A 210 13.55 13.56 2.20
N LEU A 211 12.91 13.69 1.04
CA LEU A 211 13.27 12.87 -0.11
C LEU A 211 14.72 13.09 -0.51
N GLY A 212 15.19 14.34 -0.48
CA GLY A 212 16.54 14.63 -0.88
C GLY A 212 17.59 13.94 -0.01
N ASN A 213 17.35 13.91 1.30
CA ASN A 213 18.30 13.27 2.20
C ASN A 213 18.34 11.76 1.99
N TRP A 214 17.20 11.16 1.67
CA TRP A 214 17.16 9.72 1.43
C TRP A 214 17.89 9.36 0.14
N LEU A 215 17.58 10.09 -0.94
CA LEU A 215 18.25 9.81 -2.21
C LEU A 215 19.74 10.09 -2.15
N ASP A 216 20.17 11.03 -1.30
CA ASP A 216 21.59 11.23 -1.08
C ASP A 216 22.20 10.02 -0.37
N ALA A 217 21.45 9.41 0.54
CA ALA A 217 21.94 8.22 1.22
C ALA A 217 22.06 7.04 0.26
N LEU A 218 21.06 6.82 -0.58
CA LEU A 218 21.11 5.73 -1.54
C LEU A 218 22.22 5.93 -2.57
N ALA A 219 22.37 7.16 -3.06
CA ALA A 219 23.38 7.44 -4.07
C ALA A 219 24.80 7.26 -3.53
N THR A 220 25.00 7.49 -2.24
CA THR A 220 26.32 7.42 -1.63
C THR A 220 26.63 6.05 -1.03
N ALA A 221 25.68 5.12 -1.06
CA ALA A 221 25.92 3.79 -0.52
C ALA A 221 26.95 3.05 -1.38
N ASP A 222 27.56 2.02 -0.79
CA ASP A 222 28.53 1.21 -1.50
C ASP A 222 27.91 0.01 -2.21
N GLN A 223 26.58 -0.11 -2.20
CA GLN A 223 25.86 -1.14 -2.92
C GLN A 223 24.75 -0.50 -3.74
N PRO A 224 24.54 -0.95 -4.97
CA PRO A 224 23.63 -0.24 -5.87
C PRO A 224 22.19 -0.31 -5.41
N CYS A 225 21.42 0.68 -5.83
CA CYS A 225 19.99 0.75 -5.55
C CYS A 225 19.24 1.06 -6.83
N HIS A 226 18.16 0.31 -7.08
CA HIS A 226 17.27 0.53 -8.20
C HIS A 226 15.91 0.97 -7.65
N LEU A 227 15.56 2.23 -7.88
CA LEU A 227 14.33 2.83 -7.35
C LEU A 227 13.30 2.94 -8.45
N LEU A 228 12.12 2.37 -8.21
CA LEU A 228 11.00 2.41 -9.15
C LEU A 228 9.96 3.38 -8.64
N VAL A 229 9.62 4.39 -9.46
CA VAL A 229 8.80 5.50 -9.05
C VAL A 229 7.62 5.62 -10.02
N PRO A 230 6.43 5.18 -9.60
CA PRO A 230 5.24 5.43 -10.42
C PRO A 230 4.93 6.91 -10.53
N GLN A 231 4.15 7.25 -11.56
CA GLN A 231 3.78 8.64 -11.81
C GLN A 231 2.89 9.14 -10.67
N GLY A 232 3.30 10.22 -10.03
CA GLY A 232 2.53 10.74 -8.91
C GLY A 232 3.20 11.96 -8.31
N ARG A 233 2.73 12.32 -7.12
CA ARG A 233 3.11 13.53 -6.38
C ARG A 233 4.56 13.52 -5.89
N VAL A 234 5.39 12.55 -6.27
CA VAL A 234 6.77 12.49 -5.81
C VAL A 234 7.76 12.81 -6.93
N VAL A 235 7.36 12.73 -8.20
CA VAL A 235 8.27 13.01 -9.30
C VAL A 235 8.70 14.47 -9.32
N ALA A 236 7.94 15.37 -8.69
CA ALA A 236 8.31 16.78 -8.65
C ALA A 236 9.61 16.98 -7.87
N GLY A 237 9.63 16.56 -6.61
CA GLY A 237 10.84 16.67 -5.81
C GLY A 237 11.95 15.76 -6.30
N LEU A 238 11.59 14.63 -6.90
CA LEU A 238 12.58 13.78 -7.53
C LEU A 238 13.35 14.54 -8.61
N SER A 239 12.64 15.35 -9.41
CA SER A 239 13.29 16.15 -10.42
C SER A 239 14.14 17.25 -9.80
N GLN A 240 13.64 17.91 -8.75
CA GLN A 240 14.40 18.94 -8.07
C GLN A 240 15.68 18.40 -7.45
N TRP A 241 15.75 17.09 -7.19
CA TRP A 241 16.96 16.51 -6.63
C TRP A 241 17.99 16.19 -7.72
N LEU A 242 17.54 15.62 -8.84
CA LEU A 242 18.47 15.30 -9.92
C LEU A 242 18.95 16.56 -10.63
N GLY A 243 18.12 17.60 -10.67
CA GLY A 243 18.54 18.89 -11.18
C GLY A 243 18.43 19.09 -12.67
N GLU A 244 18.03 18.07 -13.42
CA GLU A 244 17.91 18.19 -14.86
C GLU A 244 16.46 18.54 -15.22
N GLY A 245 16.06 18.28 -16.48
CA GLY A 245 14.76 18.68 -16.94
C GLY A 245 13.64 17.87 -16.31
N PRO A 246 12.41 18.15 -16.73
CA PRO A 246 11.26 17.42 -16.18
C PRO A 246 11.34 15.93 -16.49
N LEU A 247 10.92 15.12 -15.53
CA LEU A 247 10.92 13.67 -15.65
C LEU A 247 9.50 13.18 -15.85
N HIS A 248 9.32 12.33 -16.88
CA HIS A 248 8.04 11.69 -17.10
C HIS A 248 8.24 10.19 -17.32
N VAL A 249 7.17 9.49 -17.71
CA VAL A 249 7.20 8.05 -17.80
C VAL A 249 8.25 7.60 -18.81
N GLY A 250 9.13 6.69 -18.39
CA GLY A 250 10.15 6.12 -19.22
C GLY A 250 11.57 6.51 -18.82
N ASP A 251 11.74 7.70 -18.25
CA ASP A 251 13.08 8.18 -17.92
C ASP A 251 13.68 7.38 -16.77
N VAL A 252 14.94 6.96 -16.95
CA VAL A 252 15.70 6.27 -15.93
C VAL A 252 17.09 6.88 -15.87
N ARG A 253 17.52 7.30 -14.67
CA ARG A 253 18.75 8.04 -14.52
C ARG A 253 19.52 7.55 -13.29
N THR A 254 20.84 7.57 -13.39
CA THR A 254 21.73 7.04 -12.38
C THR A 254 22.60 8.13 -11.78
N ARG A 255 22.75 8.12 -10.46
CA ARG A 255 23.67 8.98 -9.73
C ARG A 255 24.37 8.13 -8.68
N GLY A 256 25.65 7.83 -8.91
CA GLY A 256 26.41 7.00 -8.00
C GLY A 256 25.87 5.59 -7.88
N ALA A 257 25.40 5.22 -6.70
CA ALA A 257 24.84 3.89 -6.46
C ALA A 257 23.34 3.81 -6.72
N LEU A 258 22.69 4.96 -6.93
CA LEU A 258 21.24 5.01 -7.08
C LEU A 258 20.88 5.20 -8.54
N THR A 259 19.98 4.36 -9.05
CA THR A 259 19.42 4.50 -10.39
C THR A 259 17.92 4.75 -10.24
N VAL A 260 17.47 5.91 -10.68
CA VAL A 260 16.08 6.34 -10.52
C VAL A 260 15.31 6.00 -11.78
N GLN A 261 14.06 5.54 -11.63
CA GLN A 261 13.24 5.17 -12.78
C GLN A 261 11.80 5.56 -12.53
N VAL A 262 11.18 6.17 -13.54
CA VAL A 262 9.80 6.65 -13.46
C VAL A 262 8.89 5.64 -14.12
N LEU A 263 7.87 5.20 -13.39
CA LEU A 263 6.90 4.21 -13.85
C LEU A 263 5.56 4.86 -14.20
N PRO A 264 4.77 4.24 -15.06
CA PRO A 264 3.42 4.73 -15.32
C PRO A 264 2.46 4.20 -14.25
N PHE A 265 1.21 4.66 -14.32
CA PHE A 265 0.15 4.19 -13.44
C PHE A 265 -0.50 2.97 -14.09
N VAL A 266 -0.12 1.78 -13.64
CA VAL A 266 -0.58 0.53 -14.25
C VAL A 266 -1.92 0.13 -13.66
N SER A 267 -2.15 -1.17 -13.53
CA SER A 267 -3.36 -1.71 -12.92
C SER A 267 -3.12 -2.03 -11.44
N GLN A 268 -4.23 -2.11 -10.70
CA GLN A 268 -4.12 -2.40 -9.27
C GLN A 268 -3.46 -3.74 -9.01
N ASP A 269 -3.72 -4.72 -9.88
CA ASP A 269 -3.10 -6.03 -9.71
C ASP A 269 -1.61 -5.98 -10.03
N ASP A 270 -1.22 -5.20 -11.05
CA ASP A 270 0.20 -5.08 -11.36
C ASP A 270 0.94 -4.28 -10.29
N PHE A 271 0.25 -3.38 -9.60
CA PHE A 271 0.86 -2.71 -8.45
C PHE A 271 1.15 -3.70 -7.34
N ASP A 272 0.32 -4.73 -7.18
CA ASP A 272 0.64 -5.82 -6.26
C ASP A 272 1.90 -6.54 -6.70
N ARG A 273 2.00 -6.83 -8.01
CA ARG A 273 3.20 -7.48 -8.54
C ARG A 273 4.43 -6.61 -8.30
N LEU A 274 4.27 -5.29 -8.40
CA LEU A 274 5.36 -4.38 -8.07
C LEU A 274 5.80 -4.53 -6.62
N LEU A 275 4.85 -4.49 -5.69
CA LEU A 275 5.18 -4.63 -4.27
C LEU A 275 5.86 -5.96 -3.99
N TRP A 276 5.33 -7.05 -4.58
CA TRP A 276 5.92 -8.36 -4.37
C TRP A 276 7.33 -8.47 -4.94
N SER A 277 7.70 -7.60 -5.88
CA SER A 277 8.97 -7.73 -6.59
C SER A 277 10.13 -7.02 -5.89
N CYS A 278 9.86 -5.98 -5.13
CA CYS A 278 10.88 -5.13 -4.53
C CYS A 278 11.23 -5.61 -3.12
N ASP A 279 12.44 -5.27 -2.69
CA ASP A 279 12.90 -5.62 -1.34
C ASP A 279 12.48 -4.61 -0.29
N PHE A 280 11.97 -3.44 -0.71
CA PHE A 280 11.50 -2.42 0.22
C PHE A 280 10.44 -1.59 -0.50
N ASN A 281 9.29 -1.42 0.14
CA ASN A 281 8.15 -0.75 -0.48
C ASN A 281 7.72 0.44 0.36
N ALA A 282 7.84 1.64 -0.19
CA ALA A 282 7.40 2.86 0.47
C ALA A 282 6.01 3.23 -0.07
N VAL A 283 4.99 3.08 0.78
CA VAL A 283 3.61 3.34 0.36
C VAL A 283 3.05 4.53 1.15
N ARG A 284 1.76 4.79 0.97
CA ARG A 284 1.13 5.96 1.57
C ARG A 284 -0.37 5.70 1.70
N GLY A 285 -1.06 6.68 2.27
CA GLY A 285 -2.52 6.69 2.21
C GLY A 285 -3.14 5.54 2.97
N GLU A 286 -4.09 4.86 2.32
CA GLU A 286 -4.92 3.86 2.98
C GLU A 286 -4.72 2.46 2.40
N ASP A 287 -4.94 2.28 1.09
CA ASP A 287 -4.98 0.94 0.53
C ASP A 287 -3.57 0.40 0.25
N SER A 288 -2.72 1.21 -0.39
CA SER A 288 -1.34 0.78 -0.63
C SER A 288 -0.61 0.51 0.68
N PHE A 289 -0.98 1.22 1.74
CA PHE A 289 -0.47 0.93 3.08
C PHE A 289 -0.73 -0.52 3.47
N VAL A 290 -1.95 -1.01 3.22
CA VAL A 290 -2.30 -2.39 3.58
C VAL A 290 -1.79 -3.37 2.54
N ARG A 291 -1.86 -3.01 1.26
CA ARG A 291 -1.35 -3.87 0.21
C ARG A 291 0.11 -4.24 0.44
N ALA A 292 0.92 -3.28 0.89
CA ALA A 292 2.32 -3.56 1.15
C ALA A 292 2.49 -4.46 2.38
N GLN A 293 1.54 -4.41 3.31
CA GLN A 293 1.60 -5.31 4.47
C GLN A 293 1.36 -6.75 4.03
N TRP A 294 0.41 -6.98 3.11
CA TRP A 294 0.23 -8.31 2.55
C TRP A 294 1.40 -8.73 1.68
N ALA A 295 2.16 -7.77 1.12
CA ALA A 295 3.33 -8.11 0.32
C ALA A 295 4.41 -8.81 1.17
N GLY A 296 4.47 -8.52 2.46
CA GLY A 296 5.37 -9.22 3.36
C GLY A 296 6.81 -8.74 3.35
N GLN A 297 7.16 -7.72 2.59
CA GLN A 297 8.52 -7.19 2.55
C GLN A 297 8.65 -5.98 3.46
N PRO A 298 9.88 -5.62 3.85
CA PRO A 298 10.07 -4.39 4.62
C PRO A 298 9.46 -3.19 3.90
N MET A 299 8.84 -2.29 4.66
CA MET A 299 8.02 -1.26 4.08
C MET A 299 8.19 0.07 4.83
N LEU A 300 7.57 1.10 4.28
CA LEU A 300 7.55 2.43 4.87
C LEU A 300 6.23 3.09 4.54
N TRP A 301 5.71 3.88 5.48
CA TRP A 301 4.39 4.49 5.38
C TRP A 301 4.52 6.01 5.43
N HIS A 302 3.72 6.69 4.60
CA HIS A 302 3.67 8.15 4.57
C HIS A 302 2.20 8.56 4.71
N ILE A 303 1.83 9.02 5.91
CA ILE A 303 0.43 9.32 6.20
C ILE A 303 0.16 10.79 5.90
N TYR A 304 -0.65 11.03 4.85
CA TYR A 304 -1.23 12.32 4.47
C TYR A 304 -0.50 13.55 4.98
N VAL A 305 0.77 13.70 4.61
CA VAL A 305 1.53 14.88 5.03
C VAL A 305 1.37 16.00 4.02
N GLU A 313 -0.02 11.71 14.39
CA GLU A 313 -1.14 11.43 15.28
C GLU A 313 -1.46 9.94 15.29
N LYS A 314 -1.85 9.40 14.14
CA LYS A 314 -2.19 7.99 14.02
C LYS A 314 -1.01 7.14 13.60
N LEU A 315 0.17 7.74 13.45
CA LEU A 315 1.35 6.98 13.05
C LEU A 315 1.86 6.12 14.20
N GLU A 316 2.06 6.72 15.38
CA GLU A 316 2.59 5.97 16.51
C GLU A 316 1.59 4.93 17.02
N ALA A 317 0.29 5.16 16.83
CA ALA A 317 -0.68 4.14 17.18
C ALA A 317 -0.54 2.91 16.29
N PHE A 318 -0.07 3.09 15.05
CA PHE A 318 0.20 1.94 14.20
C PHE A 318 1.44 1.19 14.68
N LEU A 319 2.48 1.92 15.09
CA LEU A 319 3.73 1.26 15.48
C LEU A 319 3.62 0.52 16.81
N ALA A 320 2.64 0.86 17.64
CA ALA A 320 2.53 0.20 18.94
C ALA A 320 2.33 -1.30 18.78
N HIS A 321 1.54 -1.71 17.78
CA HIS A 321 1.41 -3.13 17.46
C HIS A 321 2.53 -3.61 16.53
N TYR A 322 3.00 -2.75 15.64
CA TYR A 322 3.94 -3.19 14.60
C TYR A 322 5.31 -3.53 15.16
N ARG A 323 5.71 -2.90 16.27
CA ARG A 323 7.06 -2.99 16.78
C ARG A 323 7.25 -4.08 17.83
N CYS A 324 6.21 -4.87 18.11
CA CYS A 324 6.19 -5.66 19.34
C CYS A 324 7.29 -6.72 19.40
N GLY A 325 7.58 -7.38 18.27
CA GLY A 325 8.46 -8.53 18.32
C GLY A 325 9.96 -8.29 18.16
N LEU A 326 10.37 -7.08 17.82
CA LEU A 326 11.76 -6.85 17.44
C LEU A 326 12.63 -6.55 18.66
N SER A 327 13.93 -6.78 18.50
CA SER A 327 14.91 -6.49 19.55
C SER A 327 15.07 -4.98 19.70
N ASP A 328 15.79 -4.60 20.76
CA ASP A 328 15.92 -3.18 21.10
C ASP A 328 16.62 -2.41 19.99
N ASP A 329 17.65 -3.00 19.38
CA ASP A 329 18.34 -2.31 18.29
C ASP A 329 17.47 -2.25 17.04
N ALA A 330 16.69 -3.30 16.78
CA ALA A 330 15.81 -3.30 15.61
C ALA A 330 14.56 -2.46 15.85
N ASP A 331 14.01 -2.52 17.06
CA ASP A 331 12.87 -1.67 17.42
C ASP A 331 13.22 -0.20 17.27
N ALA A 332 14.40 0.20 17.77
CA ALA A 332 14.82 1.60 17.68
C ALA A 332 15.03 2.03 16.24
N ALA A 333 15.56 1.12 15.40
CA ALA A 333 15.82 1.47 14.02
C ALA A 333 14.55 1.60 13.20
N LEU A 334 13.50 0.86 13.57
CA LEU A 334 12.23 0.97 12.87
C LEU A 334 11.46 2.22 13.29
N LEU A 335 11.55 2.61 14.55
CA LEU A 335 10.94 3.86 15.00
C LEU A 335 11.60 5.07 14.34
N GLY A 336 12.94 5.08 14.32
CA GLY A 336 13.64 6.19 13.69
C GLY A 336 13.42 6.26 12.20
N LEU A 337 13.16 5.12 11.56
CA LEU A 337 12.92 5.11 10.12
C LEU A 337 11.57 5.71 9.77
N TRP A 338 10.52 5.27 10.46
CA TRP A 338 9.16 5.66 10.11
C TRP A 338 8.82 7.07 10.60
N ARG A 339 9.31 7.45 11.78
CA ARG A 339 9.07 8.80 12.27
C ARG A 339 9.78 9.83 11.39
N ALA A 340 10.98 9.51 10.92
CA ALA A 340 11.75 10.44 10.10
C ALA A 340 11.03 10.76 8.79
N TRP A 341 10.44 9.76 8.15
CA TRP A 341 9.70 9.94 6.91
C TRP A 341 8.43 10.75 7.09
N ASN A 342 7.98 10.95 8.32
CA ASN A 342 6.74 11.67 8.60
C ASN A 342 6.92 12.90 9.48
N MET A 343 8.08 13.06 10.14
CA MET A 343 8.29 14.18 11.05
C MET A 343 9.59 14.94 10.74
N ASP A 344 10.16 14.73 9.54
CA ASP A 344 11.28 15.53 9.04
C ASP A 344 12.57 15.31 9.85
N PHE A 345 12.87 14.06 10.17
CA PHE A 345 14.15 13.68 10.75
C PHE A 345 15.00 13.00 9.69
N ASP A 346 16.32 13.07 9.87
CA ASP A 346 17.28 12.75 8.80
C ASP A 346 17.01 11.36 8.22
N MET A 347 16.71 11.32 6.92
CA MET A 347 16.44 10.06 6.24
C MET A 347 17.70 9.26 6.00
N GLY A 348 18.88 9.88 6.05
CA GLY A 348 20.11 9.13 5.86
C GLY A 348 20.47 8.29 7.09
N GLN A 349 20.52 8.93 8.26
CA GLN A 349 20.88 8.21 9.48
C GLN A 349 19.91 7.06 9.75
N ALA A 350 18.62 7.31 9.60
CA ALA A 350 17.62 6.26 9.89
C ALA A 350 17.74 5.11 8.89
N TRP A 351 17.87 5.43 7.61
CA TRP A 351 17.94 4.37 6.60
C TRP A 351 19.13 3.46 6.83
N ARG A 352 20.31 4.02 7.11
CA ARG A 352 21.49 3.19 7.34
C ARG A 352 21.34 2.36 8.62
N ALA A 353 20.73 2.96 9.66
CA ALA A 353 20.50 2.22 10.89
C ALA A 353 19.58 1.03 10.66
N ALA A 354 18.51 1.22 9.88
CA ALA A 354 17.60 0.12 9.59
C ALA A 354 18.27 -0.96 8.76
N ARG A 355 19.18 -0.58 7.86
CA ARG A 355 19.90 -1.56 7.06
C ARG A 355 20.85 -2.42 7.88
N GLN A 356 21.25 -1.94 9.07
CA GLN A 356 22.07 -2.75 9.96
C GLN A 356 21.32 -3.95 10.53
N HIS A 357 19.99 -3.98 10.37
CA HIS A 357 19.16 -5.02 10.96
C HIS A 357 18.21 -5.60 9.91
N TRP A 358 18.67 -5.71 8.67
CA TRP A 358 17.78 -6.14 7.60
C TRP A 358 17.24 -7.56 7.77
N PRO A 359 18.03 -8.56 8.16
CA PRO A 359 17.43 -9.89 8.40
C PRO A 359 16.33 -9.88 9.44
N GLU A 360 16.48 -9.08 10.51
CA GLU A 360 15.41 -8.97 11.50
C GLU A 360 14.18 -8.29 10.93
N LEU A 361 14.38 -7.22 10.15
CA LEU A 361 13.25 -6.50 9.58
C LEU A 361 12.56 -7.32 8.49
N GLN A 362 13.32 -8.09 7.72
CA GLN A 362 12.73 -8.97 6.71
C GLN A 362 11.78 -9.98 7.35
N GLN A 363 12.25 -10.65 8.41
CA GLN A 363 11.42 -11.63 9.09
C GLN A 363 10.24 -10.97 9.78
N HIS A 364 10.44 -9.76 10.34
CA HIS A 364 9.36 -9.06 11.02
C HIS A 364 8.23 -8.70 10.06
N ALA A 365 8.57 -8.32 8.82
CA ALA A 365 7.54 -7.97 7.85
C ALA A 365 6.74 -9.19 7.43
N ARG A 366 7.39 -10.35 7.30
CA ARG A 366 6.66 -11.58 6.98
C ARG A 366 5.74 -11.98 8.12
N LEU A 367 6.23 -11.90 9.36
CA LEU A 367 5.43 -12.33 10.50
C LEU A 367 4.21 -11.44 10.72
N TRP A 368 4.31 -10.15 10.39
CA TRP A 368 3.16 -9.28 10.55
C TRP A 368 2.06 -9.61 9.56
N GLY A 369 2.42 -9.87 8.30
CA GLY A 369 1.41 -10.24 7.31
C GLY A 369 0.71 -11.53 7.65
N ALA A 370 1.45 -12.53 8.12
CA ALA A 370 0.84 -13.80 8.49
C ALA A 370 -0.05 -13.64 9.72
N ARG A 371 0.37 -12.85 10.70
CA ARG A 371 -0.46 -12.60 11.86
C ARG A 371 -1.72 -11.83 11.49
N GLN A 372 -1.59 -10.81 10.63
CA GLN A 372 -2.75 -10.02 10.24
C GLN A 372 -3.75 -10.85 9.45
N ALA A 373 -3.27 -11.71 8.56
CA ALA A 373 -4.16 -12.49 7.71
C ALA A 373 -4.90 -13.59 8.48
N ALA A 374 -4.50 -13.87 9.72
CA ALA A 374 -5.16 -14.92 10.49
C ALA A 374 -6.58 -14.53 10.88
N GLN A 375 -6.92 -13.24 10.84
CA GLN A 375 -8.23 -12.68 11.11
C GLN A 375 -9.05 -12.60 9.83
N PRO A 376 -10.34 -12.91 9.89
CA PRO A 376 -11.19 -12.78 8.71
C PRO A 376 -11.11 -11.38 8.11
N ASP A 377 -11.21 -11.32 6.79
CA ASP A 377 -11.04 -10.08 6.05
C ASP A 377 -12.25 -9.17 6.25
N LEU A 378 -12.18 -7.98 5.64
CA LEU A 378 -13.23 -6.99 5.81
C LEU A 378 -14.49 -7.36 5.04
N ALA A 379 -14.34 -7.86 3.81
CA ALA A 379 -15.50 -8.23 3.02
C ALA A 379 -16.32 -9.31 3.71
N THR A 380 -15.65 -10.32 4.28
CA THR A 380 -16.36 -11.31 5.09
C THR A 380 -16.98 -10.67 6.32
N ALA A 381 -16.27 -9.72 6.93
CA ALA A 381 -16.80 -9.04 8.12
C ALA A 381 -18.04 -8.23 7.79
N LEU A 382 -18.15 -7.73 6.56
CA LEU A 382 -19.35 -7.00 6.18
C LEU A 382 -20.50 -7.93 5.83
N VAL A 383 -20.21 -9.15 5.36
CA VAL A 383 -21.25 -10.04 4.88
C VAL A 383 -21.87 -10.83 6.04
N HIS A 384 -21.04 -11.46 6.88
CA HIS A 384 -21.57 -12.23 7.99
C HIS A 384 -22.35 -11.37 8.95
N PHE A 385 -21.99 -10.08 9.07
CA PHE A 385 -22.75 -9.17 9.90
C PHE A 385 -24.16 -8.96 9.34
N TYR A 386 -24.27 -8.80 8.03
CA TYR A 386 -25.58 -8.61 7.42
C TYR A 386 -26.41 -9.88 7.45
N ARG A 387 -25.76 -11.04 7.33
CA ARG A 387 -26.51 -12.30 7.34
C ARG A 387 -27.18 -12.54 8.69
N ASN A 388 -26.50 -12.22 9.78
CA ASN A 388 -27.10 -12.26 11.11
C ASN A 388 -27.88 -10.98 11.44
N SER A 389 -28.30 -10.24 10.41
CA SER A 389 -29.03 -8.99 10.58
C SER A 389 -28.23 -8.00 11.41
N LEU A 390 -28.39 -8.06 12.73
CA LEU A 390 -27.65 -7.17 13.63
C LEU A 390 -27.60 -7.74 15.04
O4P TRH B . -2.80 8.79 -0.81
P2 TRH B . -3.73 7.76 -1.31
O3P TRH B . -4.02 7.92 -2.90
O1 TRH B . -5.15 7.78 -0.56
C1 TRH B . -5.35 8.76 0.48
C2 TRH B . -6.70 8.55 1.19
O2 TRH B . -7.69 8.09 0.28
C3 TRH B . -7.20 9.87 1.79
O3 TRH B . -7.84 10.64 0.76
C4 TRH B . -6.02 10.65 2.33
O4 TRH B . -5.34 9.84 3.31
C5 TRH B . -5.09 11.01 1.16
O5 TRH B . -5.29 10.11 0.02
C6 TRH B . -5.33 12.45 0.70
OPP TRH B . -3.10 6.28 -1.14
P TRH B . -4.04 4.99 -1.25
O1P TRH B . -5.10 4.94 -0.21
O2P TRH B . -3.09 3.69 -1.19
O5' TRH B . -4.65 4.97 -2.74
C5' TRH B . -3.83 4.56 -3.83
C4' TRH B . -4.66 3.64 -4.72
O4' TRH B . -4.04 3.68 -6.04
C3' TRH B . -4.49 2.21 -4.25
O3' TRH B . -5.44 1.38 -4.91
C2' TRH B . -3.11 1.94 -4.83
C1' TRH B . -3.50 2.35 -6.23
N11 TRH B . -2.39 2.37 -7.20
C21 TRH B . -2.53 1.73 -8.37
O21 TRH B . -3.58 1.12 -8.61
N31 TRH B . -1.51 1.73 -9.31
C41 TRH B . -0.33 2.40 -9.07
O41 TRH B . 0.57 2.40 -9.92
C51 TRH B . -0.17 3.09 -7.86
C5A TRH B . 1.02 3.76 -7.61
C61 TRH B . -1.20 3.07 -6.92
#